data_1R8C
#
_entry.id   1R8C
#
_cell.length_a   86.151
_cell.length_b   79.954
_cell.length_c   78.145
_cell.angle_alpha   90.00
_cell.angle_beta   97.53
_cell.angle_gamma   90.00
#
_symmetry.space_group_name_H-M   'C 1 2 1'
#
loop_
_entity.id
_entity.type
_entity.pdbx_description
1 polymer 'tRNA nucleotidyltransferase'
2 non-polymer 'MANGANESE (II) ION'
3 non-polymer 'SODIUM ION'
4 non-polymer "URIDINE 5'-TRIPHOSPHATE"
5 water water
#
_entity_poly.entity_id   1
_entity_poly.type   'polypeptide(L)'
_entity_poly.pdbx_seq_one_letter_code
;MKVEEILEKALELVIPDEEEVRKGREAEEELRRRLDELGVEYVFVGSYARNTWLKGSLEIDVFLLFPEEFSKEELRERGL
EIGKAVLDSYEIRYAEHPYVHGVVKGVEVDVVPCYKLKEPKNIKSAVDRTPFHHKWLEGRIKGKENEVRLLKGFLKANGI
YGAEYKVRGFSGYLCELLIVFYGSFLETVKNARRWTRRTVIDVAKGEVRKGEEFFVVDPVDEKRNVAANLSLDNLARFVH
LCREFMEAPSLGFFKPKHPLEIEPERLRKIVEERGTAVFAVKFRKPDIVDDNLYPQLERASRKIFEFLERENFMPLRSAF
KASEEFCYLLFECQIKEISRVFRRMGPQFEDERNVKKFLSRNRAFRPFIENGRWWAFEMRKFTTPEEGVRSYASTHWHTL
GKNVGESIREYFEIISGEKLFKEPVTAELCEMMGVKD
;
_entity_poly.pdbx_strand_id   A
#
# COMPACT_ATOMS: atom_id res chain seq x y z
N MET A 1 23.08 -20.41 -10.05
CA MET A 1 24.58 -20.41 -10.02
C MET A 1 25.07 -20.52 -8.56
N LYS A 2 24.53 -21.49 -7.83
CA LYS A 2 24.81 -21.68 -6.39
C LYS A 2 24.32 -20.48 -5.58
N VAL A 3 23.52 -20.75 -4.55
CA VAL A 3 22.91 -19.68 -3.74
C VAL A 3 23.96 -18.70 -3.24
N GLU A 4 25.06 -19.23 -2.69
CA GLU A 4 26.10 -18.39 -2.07
C GLU A 4 26.79 -17.43 -3.03
N GLU A 5 27.00 -17.82 -4.29
CA GLU A 5 27.61 -16.94 -5.29
C GLU A 5 26.63 -15.91 -5.86
N ILE A 6 25.35 -16.26 -5.92
CA ILE A 6 24.33 -15.33 -6.34
C ILE A 6 24.23 -14.20 -5.32
N LEU A 7 24.23 -14.56 -4.03
CA LEU A 7 24.17 -13.57 -2.95
C LEU A 7 25.38 -12.63 -2.94
N GLU A 8 26.55 -13.11 -3.36
CA GLU A 8 27.70 -12.21 -3.44
C GLU A 8 27.53 -11.19 -4.57
N LYS A 9 27.00 -11.61 -5.72
CA LYS A 9 26.76 -10.71 -6.85
C LYS A 9 25.65 -9.70 -6.57
N ALA A 10 24.68 -10.10 -5.77
CA ALA A 10 23.52 -9.27 -5.46
C ALA A 10 23.91 -8.09 -4.55
N LEU A 11 24.98 -8.27 -3.79
CA LEU A 11 25.46 -7.23 -2.89
C LEU A 11 25.81 -5.95 -3.63
N GLU A 12 26.22 -6.05 -4.89
CA GLU A 12 26.55 -4.87 -5.72
C GLU A 12 25.29 -4.06 -6.13
N LEU A 13 24.14 -4.73 -6.25
CA LEU A 13 22.88 -4.08 -6.58
C LEU A 13 22.16 -3.49 -5.34
N VAL A 14 22.66 -3.84 -4.17
CA VAL A 14 21.98 -3.61 -2.89
C VAL A 14 22.74 -2.60 -1.98
N ILE A 15 24.05 -2.49 -2.16
CA ILE A 15 24.89 -1.59 -1.34
C ILE A 15 24.93 -0.24 -2.06
N PRO A 16 24.72 0.86 -1.33
CA PRO A 16 24.72 2.20 -1.96
C PRO A 16 26.04 2.49 -2.69
N ASP A 17 26.00 3.32 -3.73
CA ASP A 17 27.24 3.65 -4.47
C ASP A 17 28.11 4.68 -3.72
N GLU A 18 29.20 5.09 -4.34
CA GLU A 18 30.21 5.91 -3.68
C GLU A 18 29.73 7.32 -3.34
N GLU A 19 29.21 8.02 -4.34
CA GLU A 19 28.74 9.41 -4.16
C GLU A 19 27.51 9.53 -3.25
N GLU A 20 26.77 8.43 -3.05
CA GLU A 20 25.63 8.43 -2.13
C GLU A 20 26.09 8.47 -0.68
N VAL A 21 26.99 7.55 -0.33
CA VAL A 21 27.61 7.48 1.00
C VAL A 21 28.29 8.80 1.42
N ARG A 22 28.91 9.49 0.46
CA ARG A 22 29.61 10.75 0.75
C ARG A 22 28.65 11.93 0.88
N LYS A 23 27.65 11.95 0.01
CA LYS A 23 26.59 12.96 0.04
C LYS A 23 25.89 12.96 1.41
N GLY A 24 25.74 11.76 1.98
CA GLY A 24 25.04 11.58 3.24
C GLY A 24 25.85 12.04 4.44
N ARG A 25 27.14 11.72 4.44
CA ARG A 25 28.03 12.05 5.55
C ARG A 25 28.25 13.56 5.68
N GLU A 26 28.25 14.26 4.53
CA GLU A 26 28.33 15.72 4.51
C GLU A 26 27.11 16.34 5.17
N ALA A 27 25.92 15.83 4.86
CA ALA A 27 24.68 16.34 5.44
C ALA A 27 24.58 16.05 6.95
N GLU A 28 25.10 14.90 7.38
CA GLU A 28 25.05 14.50 8.79
C GLU A 28 25.93 15.39 9.67
N GLU A 29 27.15 15.66 9.19
CA GLU A 29 28.10 16.52 9.92
C GLU A 29 27.58 17.95 10.05
N GLU A 30 26.95 18.46 8.99
CA GLU A 30 26.39 19.82 9.00
C GLU A 30 25.21 19.91 9.98
N LEU A 31 24.43 18.85 10.01
CA LEU A 31 23.26 18.77 10.86
C LEU A 31 23.66 18.72 12.33
N ARG A 32 24.71 17.94 12.63
CA ARG A 32 25.26 17.89 13.98
C ARG A 32 25.72 19.28 14.39
N ARG A 33 26.32 19.99 13.44
CA ARG A 33 26.90 21.32 13.69
C ARG A 33 25.82 22.30 14.17
N ARG A 34 24.67 22.27 13.51
CA ARG A 34 23.58 23.20 13.77
C ARG A 34 22.84 22.92 15.08
N LEU A 35 22.65 21.64 15.40
CA LEU A 35 21.97 21.20 16.62
C LEU A 35 22.84 21.46 17.83
N ASP A 36 24.13 21.16 17.70
CA ASP A 36 25.12 21.38 18.77
C ASP A 36 25.19 22.85 19.21
N GLU A 37 25.13 23.80 18.25
CA GLU A 37 25.13 25.24 18.54
C GLU A 37 23.88 25.71 19.30
N LEU A 38 22.78 24.97 19.13
CA LEU A 38 21.53 25.27 19.81
C LEU A 38 21.43 24.64 21.21
N GLY A 39 22.33 23.71 21.53
CA GLY A 39 22.37 23.10 22.85
C GLY A 39 21.26 22.09 23.10
N VAL A 40 20.74 21.49 22.02
CA VAL A 40 19.68 20.49 22.11
C VAL A 40 20.31 19.10 22.20
N GLU A 41 19.73 18.25 23.03
CA GLU A 41 20.17 16.87 23.12
C GLU A 41 19.41 16.13 22.03
N TYR A 42 20.10 15.23 21.32
CA TYR A 42 19.49 14.52 20.19
C TYR A 42 20.19 13.19 19.91
N VAL A 43 19.54 12.38 19.07
CA VAL A 43 20.11 11.11 18.63
C VAL A 43 19.66 10.80 17.20
N PHE A 44 20.62 10.38 16.38
CA PHE A 44 20.30 9.93 15.02
C PHE A 44 19.82 8.50 15.14
N VAL A 45 18.66 8.19 14.57
CA VAL A 45 18.08 6.84 14.63
C VAL A 45 17.85 6.32 13.19
N GLY A 46 17.16 5.20 13.02
CA GLY A 46 16.84 4.77 11.66
C GLY A 46 17.97 4.10 10.91
N SER A 47 17.72 3.90 9.61
CA SER A 47 18.58 3.05 8.77
C SER A 47 19.88 3.75 8.41
N TYR A 48 19.86 5.08 8.35
CA TYR A 48 21.11 5.82 8.21
C TYR A 48 22.06 5.55 9.38
N ALA A 49 21.55 5.71 10.60
CA ALA A 49 22.36 5.54 11.81
C ALA A 49 23.02 4.19 11.88
N ARG A 50 22.27 3.16 11.49
CA ARG A 50 22.70 1.79 11.66
C ARG A 50 23.31 1.19 10.39
N ASN A 51 23.48 2.03 9.37
CA ASN A 51 24.10 1.61 8.11
C ASN A 51 23.41 0.40 7.46
N THR A 52 22.08 0.45 7.48
CA THR A 52 21.23 -0.58 6.88
C THR A 52 20.37 -0.06 5.72
N TRP A 53 20.60 1.16 5.23
CA TRP A 53 19.71 1.74 4.22
C TRP A 53 20.08 1.23 2.83
N LEU A 54 19.05 0.98 2.01
CA LEU A 54 19.22 0.36 0.70
C LEU A 54 19.78 1.36 -0.27
N LYS A 55 20.47 0.88 -1.30
CA LYS A 55 20.99 1.73 -2.37
C LYS A 55 19.87 2.55 -2.97
N GLY A 56 20.02 3.87 -2.90
CA GLY A 56 19.11 4.79 -3.55
C GLY A 56 18.03 5.35 -2.64
N SER A 57 18.06 4.99 -1.35
CA SER A 57 17.06 5.42 -0.37
C SER A 57 17.66 6.19 0.82
N LEU A 58 18.64 7.05 0.53
CA LEU A 58 19.30 7.86 1.57
C LEU A 58 18.30 8.84 2.24
N GLU A 59 18.21 8.74 3.57
CA GLU A 59 17.29 9.55 4.39
C GLU A 59 17.75 9.55 5.85
N ILE A 60 17.80 10.73 6.48
CA ILE A 60 18.33 10.84 7.85
C ILE A 60 17.25 11.10 8.89
N ASP A 61 17.16 10.23 9.90
CA ASP A 61 16.16 10.40 10.96
C ASP A 61 16.80 10.91 12.24
N VAL A 62 16.28 12.02 12.78
CA VAL A 62 16.73 12.57 14.05
C VAL A 62 15.57 12.75 15.05
N PHE A 63 15.80 12.34 16.29
CA PHE A 63 14.87 12.61 17.38
C PHE A 63 15.49 13.55 18.42
N LEU A 64 14.74 14.58 18.80
CA LEU A 64 15.17 15.54 19.79
C LEU A 64 14.71 15.07 21.17
N LEU A 65 15.66 14.95 22.10
CA LEU A 65 15.41 14.39 23.43
C LEU A 65 15.27 15.48 24.51
N PHE A 66 14.10 15.51 25.16
CA PHE A 66 13.77 16.57 26.10
C PHE A 66 13.48 16.02 27.51
N PRO A 67 13.60 16.88 28.53
CA PRO A 67 13.22 16.53 29.91
C PRO A 67 11.82 15.93 30.03
N GLU A 68 11.64 15.03 31.00
CA GLU A 68 10.38 14.29 31.15
C GLU A 68 9.19 15.16 31.53
N GLU A 69 9.44 16.25 32.25
CA GLU A 69 8.37 17.17 32.65
C GLU A 69 8.21 18.35 31.68
N PHE A 70 7.56 18.07 30.57
CA PHE A 70 7.07 19.09 29.65
C PHE A 70 5.70 18.65 29.12
N SER A 71 4.76 19.58 29.03
CA SER A 71 3.39 19.27 28.61
C SER A 71 3.34 18.80 27.15
N LYS A 72 2.13 18.50 26.68
CA LYS A 72 1.94 17.98 25.31
C LYS A 72 2.34 18.99 24.24
N GLU A 73 2.00 20.26 24.45
CA GLU A 73 2.36 21.33 23.50
C GLU A 73 3.66 22.06 23.88
N GLU A 74 4.25 21.69 25.02
CA GLU A 74 5.60 22.13 25.35
C GLU A 74 6.62 21.35 24.52
N LEU A 75 6.23 20.15 24.09
CA LEU A 75 7.05 19.32 23.18
C LEU A 75 6.73 19.61 21.71
N ARG A 76 5.53 20.09 21.45
CA ARG A 76 5.08 20.37 20.08
C ARG A 76 5.62 21.71 19.58
N GLU A 77 5.41 22.76 20.36
CA GLU A 77 5.83 24.11 19.98
C GLU A 77 7.36 24.25 19.98
N ARG A 78 7.99 23.79 21.05
CA ARG A 78 9.45 23.89 21.19
C ARG A 78 10.19 22.97 20.22
N GLY A 79 9.68 21.75 20.07
CA GLY A 79 10.28 20.77 19.18
C GLY A 79 10.28 21.22 17.72
N LEU A 80 9.20 21.87 17.30
CA LEU A 80 9.10 22.41 15.94
C LEU A 80 10.12 23.53 15.72
N GLU A 81 10.24 24.44 16.70
CA GLU A 81 11.16 25.58 16.63
C GLU A 81 12.57 25.17 16.17
N ILE A 82 13.11 24.13 16.78
CA ILE A 82 14.45 23.65 16.48
C ILE A 82 14.53 23.03 15.09
N GLY A 83 13.50 22.27 14.72
CA GLY A 83 13.40 21.68 13.38
C GLY A 83 13.35 22.66 12.22
N LYS A 84 12.87 23.88 12.47
CA LYS A 84 12.74 24.89 11.42
C LYS A 84 14.04 25.71 11.29
N ALA A 85 14.86 25.69 12.33
CA ALA A 85 16.10 26.46 12.37
C ALA A 85 17.25 25.68 11.75
N VAL A 86 17.09 24.35 11.71
CA VAL A 86 18.18 23.45 11.37
C VAL A 86 18.14 22.96 9.92
N LEU A 87 17.01 23.08 9.24
CA LEU A 87 16.87 22.59 7.87
C LEU A 87 16.92 23.74 6.87
N ASP A 88 17.50 23.50 5.69
CA ASP A 88 17.52 24.48 4.59
C ASP A 88 16.10 24.89 4.19
N SER A 89 15.24 23.89 4.11
CA SER A 89 13.83 24.06 3.79
C SER A 89 13.03 23.02 4.58
N TYR A 90 11.73 23.24 4.75
CA TYR A 90 10.91 22.27 5.51
C TYR A 90 9.43 22.22 5.12
N GLU A 91 8.73 21.25 5.74
CA GLU A 91 7.33 20.95 5.48
C GLU A 91 6.75 20.35 6.76
N ILE A 92 5.58 20.80 7.20
CA ILE A 92 4.98 20.17 8.38
C ILE A 92 4.22 18.92 7.94
N ARG A 93 4.85 17.76 8.13
CA ARG A 93 4.20 16.48 7.84
C ARG A 93 3.47 15.97 9.08
N TYR A 94 2.61 14.96 8.90
CA TYR A 94 1.80 14.39 9.98
C TYR A 94 1.78 12.86 9.93
N ALA A 95 2.59 12.21 10.77
CA ALA A 95 2.56 10.75 10.90
C ALA A 95 1.48 10.32 11.89
N GLU A 96 1.57 10.83 13.12
CA GLU A 96 0.51 10.71 14.14
C GLU A 96 0.43 12.04 14.91
N HIS A 97 1.54 12.40 15.57
CA HIS A 97 1.73 13.76 16.07
C HIS A 97 2.70 14.46 15.09
N PRO A 98 2.48 15.74 14.81
CA PRO A 98 3.25 16.47 13.79
C PRO A 98 4.77 16.42 13.97
N TYR A 99 5.48 16.21 12.85
CA TYR A 99 6.94 16.36 12.81
C TYR A 99 7.35 17.25 11.62
N VAL A 100 8.66 17.47 11.50
CA VAL A 100 9.22 18.31 10.45
C VAL A 100 9.90 17.42 9.42
N HIS A 101 9.60 17.60 8.13
CA HIS A 101 10.41 17.03 7.06
C HIS A 101 11.02 18.12 6.18
N GLY A 102 12.32 18.02 5.94
CA GLY A 102 13.04 18.96 5.09
C GLY A 102 14.30 18.39 4.47
N VAL A 103 15.24 19.28 4.16
CA VAL A 103 16.44 18.95 3.40
C VAL A 103 17.66 19.64 4.02
N VAL A 104 18.81 18.97 3.98
CA VAL A 104 20.10 19.56 4.40
C VAL A 104 21.17 19.13 3.39
N LYS A 105 21.76 20.11 2.70
CA LYS A 105 22.73 19.82 1.64
C LYS A 105 22.22 18.76 0.65
N GLY A 106 20.98 18.92 0.22
CA GLY A 106 20.36 18.03 -0.74
C GLY A 106 20.04 16.62 -0.28
N VAL A 107 19.75 16.45 1.02
CA VAL A 107 19.44 15.13 1.58
C VAL A 107 18.24 15.22 2.53
N GLU A 108 17.25 14.35 2.32
CA GLU A 108 16.02 14.32 3.12
C GLU A 108 16.32 14.03 4.60
N VAL A 109 15.70 14.82 5.49
CA VAL A 109 15.82 14.67 6.94
C VAL A 109 14.44 14.81 7.58
N ASP A 110 14.15 13.94 8.55
CA ASP A 110 12.99 14.11 9.42
C ASP A 110 13.46 14.44 10.84
N VAL A 111 12.86 15.47 11.43
CA VAL A 111 13.13 15.82 12.83
C VAL A 111 11.87 15.63 13.66
N VAL A 112 11.93 14.73 14.63
CA VAL A 112 10.79 14.37 15.49
C VAL A 112 11.10 14.66 16.96
N PRO A 113 10.28 15.47 17.62
CA PRO A 113 10.44 15.71 19.07
C PRO A 113 9.72 14.67 19.94
N CYS A 114 10.39 14.19 20.99
CA CYS A 114 9.74 13.37 22.01
C CYS A 114 10.50 13.39 23.36
N TYR A 115 9.97 12.68 24.34
CA TYR A 115 10.53 12.67 25.71
C TYR A 115 11.87 11.94 25.81
N LYS A 116 12.57 12.16 26.93
CA LYS A 116 13.77 11.41 27.30
C LYS A 116 13.42 10.53 28.49
N LEU A 117 12.81 9.38 28.19
CA LEU A 117 12.34 8.46 29.21
C LEU A 117 13.45 7.48 29.57
N LYS A 118 13.73 7.36 30.87
CA LYS A 118 14.58 6.28 31.39
C LYS A 118 13.68 5.06 31.57
N GLU A 119 13.93 4.02 30.77
CA GLU A 119 13.04 2.86 30.65
C GLU A 119 11.78 3.24 29.85
N PRO A 120 11.32 2.34 28.98
CA PRO A 120 10.16 2.63 28.11
C PRO A 120 8.84 2.82 28.86
N LYS A 121 8.31 1.75 29.48
CA LYS A 121 7.00 1.75 30.15
C LYS A 121 6.29 3.11 30.25
N ASN A 122 5.81 3.59 29.11
CA ASN A 122 5.03 4.83 29.03
C ASN A 122 4.40 4.93 27.63
N ILE A 123 3.15 4.46 27.52
CA ILE A 123 2.51 4.27 26.22
C ILE A 123 1.81 5.55 25.73
N LYS A 124 1.92 5.80 24.42
CA LYS A 124 1.24 6.91 23.77
C LYS A 124 0.91 6.52 22.31
N SER A 125 1.92 6.60 21.44
CA SER A 125 1.78 6.18 20.04
C SER A 125 3.10 5.54 19.54
N ALA A 126 3.24 5.40 18.21
CA ALA A 126 4.47 4.88 17.61
C ALA A 126 5.66 5.86 17.69
N VAL A 127 5.35 7.16 17.75
CA VAL A 127 6.37 8.21 17.88
C VAL A 127 7.28 7.99 19.10
N ASP A 128 6.69 7.75 20.28
CA ASP A 128 7.43 7.71 21.56
C ASP A 128 8.21 6.40 21.83
N ARG A 129 8.01 5.41 20.97
CA ARG A 129 8.70 4.13 21.07
C ARG A 129 9.87 4.02 20.09
N THR A 130 9.95 4.95 19.13
CA THR A 130 10.97 4.92 18.09
C THR A 130 12.41 5.03 18.57
N PRO A 131 12.68 5.83 19.60
CA PRO A 131 14.03 5.86 20.19
C PRO A 131 14.36 4.50 20.74
N PHE A 132 13.36 3.82 21.30
CA PHE A 132 13.58 2.50 21.92
C PHE A 132 13.72 1.44 20.83
N HIS A 133 13.18 1.69 19.64
CA HIS A 133 13.41 0.82 18.48
C HIS A 133 14.90 0.78 18.20
N HIS A 134 15.48 1.97 18.05
CA HIS A 134 16.90 2.10 17.77
C HIS A 134 17.71 1.46 18.90
N LYS A 135 17.37 1.75 20.15
CA LYS A 135 18.13 1.22 21.29
C LYS A 135 18.16 -0.32 21.29
N TRP A 136 17.03 -0.94 20.95
CA TRP A 136 16.91 -2.41 20.98
C TRP A 136 17.76 -3.02 19.85
N LEU A 137 17.68 -2.45 18.64
CA LEU A 137 18.44 -2.94 17.48
C LEU A 137 19.93 -2.64 17.48
N GLU A 138 20.34 -1.53 18.08
CA GLU A 138 21.72 -1.12 18.01
C GLU A 138 22.59 -2.26 18.58
N GLY A 139 23.47 -2.83 17.77
CA GLY A 139 24.34 -3.89 18.32
C GLY A 139 23.77 -5.31 18.42
N ARG A 140 22.46 -5.46 18.24
CA ARG A 140 21.93 -6.76 17.86
C ARG A 140 22.08 -6.96 16.37
N ILE A 141 21.98 -5.87 15.61
CA ILE A 141 22.15 -5.90 14.17
C ILE A 141 23.60 -5.68 13.72
N LYS A 142 24.53 -5.37 14.62
CA LYS A 142 25.93 -5.20 14.21
C LYS A 142 26.48 -6.45 13.52
N GLY A 143 27.21 -6.25 12.41
CA GLY A 143 27.71 -7.35 11.60
C GLY A 143 26.75 -7.89 10.53
N LYS A 144 25.48 -7.49 10.59
CA LYS A 144 24.42 -8.10 9.76
C LYS A 144 23.80 -7.11 8.79
N GLU A 145 24.52 -6.02 8.54
CA GLU A 145 23.97 -4.88 7.85
C GLU A 145 23.69 -5.25 6.40
N ASN A 146 24.57 -6.03 5.78
CA ASN A 146 24.38 -6.46 4.40
C ASN A 146 23.27 -7.51 4.25
N GLU A 147 23.09 -8.34 5.27
CA GLU A 147 21.93 -9.23 5.31
C GLU A 147 20.60 -8.43 5.24
N VAL A 148 20.52 -7.33 5.98
CA VAL A 148 19.35 -6.46 5.92
C VAL A 148 19.19 -5.89 4.52
N ARG A 149 20.28 -5.50 3.89
CA ARG A 149 20.18 -4.86 2.58
C ARG A 149 19.79 -5.88 1.50
N LEU A 150 20.24 -7.13 1.64
CA LEU A 150 19.77 -8.21 0.76
C LEU A 150 18.26 -8.39 0.85
N LEU A 151 17.74 -8.40 2.06
CA LEU A 151 16.31 -8.59 2.26
C LEU A 151 15.50 -7.40 1.68
N LYS A 152 15.96 -6.17 1.91
CA LYS A 152 15.28 -4.99 1.39
C LYS A 152 15.34 -4.94 -0.16
N GLY A 153 16.47 -5.35 -0.74
CA GLY A 153 16.62 -5.35 -2.20
C GLY A 153 15.73 -6.37 -2.91
N PHE A 154 15.67 -7.54 -2.30
CA PHE A 154 14.79 -8.63 -2.71
C PHE A 154 13.35 -8.13 -2.76
N LEU A 155 12.91 -7.53 -1.65
CA LEU A 155 11.56 -7.03 -1.51
C LEU A 155 11.29 -5.88 -2.52
N LYS A 156 12.24 -4.96 -2.68
CA LYS A 156 12.08 -3.82 -3.60
C LYS A 156 11.98 -4.23 -5.07
N ALA A 157 12.82 -5.18 -5.50
CA ALA A 157 12.84 -5.63 -6.89
C ALA A 157 11.54 -6.32 -7.23
N ASN A 158 10.82 -6.74 -6.18
CA ASN A 158 9.52 -7.40 -6.33
C ASN A 158 8.31 -6.55 -5.87
N GLY A 159 8.52 -5.23 -5.74
CA GLY A 159 7.46 -4.26 -5.48
C GLY A 159 6.85 -4.30 -4.09
N ILE A 160 7.49 -4.98 -3.13
CA ILE A 160 6.91 -5.10 -1.78
C ILE A 160 7.75 -4.54 -0.62
N TYR A 161 8.62 -3.58 -0.94
CA TYR A 161 9.34 -2.86 0.13
C TYR A 161 8.64 -1.52 0.44
N GLY A 162 8.38 -1.29 1.72
CA GLY A 162 7.73 -0.08 2.20
C GLY A 162 6.39 -0.40 2.84
N ALA A 163 6.10 0.24 3.98
CA ALA A 163 4.82 0.08 4.69
C ALA A 163 3.78 1.13 4.33
N GLU A 164 4.14 2.07 3.44
CA GLU A 164 3.20 3.12 3.02
C GLU A 164 2.07 2.50 2.20
N TYR A 165 0.96 3.20 2.10
CA TYR A 165 -0.26 2.55 1.60
C TYR A 165 -0.28 2.25 0.11
N LYS A 166 0.44 3.04 -0.69
CA LYS A 166 0.69 2.70 -2.10
C LYS A 166 1.29 1.30 -2.26
N VAL A 167 2.04 0.82 -1.27
CA VAL A 167 2.74 -0.48 -1.30
C VAL A 167 2.12 -1.60 -0.45
N ARG A 168 1.86 -1.33 0.83
CA ARG A 168 1.32 -2.31 1.77
C ARG A 168 2.27 -3.51 1.90
N GLY A 169 3.56 -3.19 1.95
CA GLY A 169 4.62 -4.18 2.04
C GLY A 169 5.32 -4.20 3.38
N PHE A 170 6.62 -4.49 3.35
CA PHE A 170 7.44 -4.67 4.56
C PHE A 170 8.18 -3.36 4.94
N SER A 171 8.02 -2.87 6.16
CA SER A 171 8.81 -1.74 6.64
C SER A 171 10.29 -2.10 6.90
N GLY A 172 11.13 -1.07 7.03
CA GLY A 172 12.53 -1.22 7.37
C GLY A 172 12.76 -1.83 8.74
N TYR A 173 12.03 -1.34 9.75
CA TYR A 173 12.10 -1.93 11.11
C TYR A 173 11.71 -3.41 11.09
N LEU A 174 10.69 -3.79 10.32
CA LEU A 174 10.32 -5.18 10.16
C LEU A 174 11.46 -6.04 9.56
N CYS A 175 12.11 -5.54 8.51
CA CYS A 175 13.25 -6.27 7.90
C CYS A 175 14.37 -6.50 8.92
N GLU A 176 14.67 -5.49 9.76
CA GLU A 176 15.73 -5.61 10.73
C GLU A 176 15.37 -6.60 11.84
N LEU A 177 14.14 -6.56 12.35
CA LEU A 177 13.69 -7.58 13.31
C LEU A 177 13.76 -9.02 12.79
N LEU A 178 13.41 -9.22 11.51
CA LEU A 178 13.48 -10.56 10.89
C LEU A 178 14.93 -11.08 10.83
N ILE A 179 15.88 -10.20 10.50
CA ILE A 179 17.27 -10.58 10.37
C ILE A 179 17.81 -10.92 11.77
N VAL A 180 17.39 -10.19 12.81
CA VAL A 180 17.78 -10.51 14.19
C VAL A 180 17.21 -11.88 14.62
N PHE A 181 15.94 -12.13 14.32
CA PHE A 181 15.27 -13.36 14.71
C PHE A 181 15.84 -14.63 14.04
N TYR A 182 16.11 -14.56 12.73
CA TYR A 182 16.58 -15.72 11.94
C TYR A 182 18.09 -15.78 11.70
N GLY A 183 18.75 -14.63 11.79
CA GLY A 183 20.21 -14.56 11.73
C GLY A 183 20.78 -14.13 10.38
N SER A 184 20.01 -14.31 9.30
CA SER A 184 20.50 -14.01 7.96
C SER A 184 19.36 -13.91 6.93
N PHE A 185 19.67 -13.36 5.75
CA PHE A 185 18.73 -13.29 4.65
C PHE A 185 18.32 -14.68 4.23
N LEU A 186 19.30 -15.55 4.07
CA LEU A 186 19.05 -16.89 3.58
C LEU A 186 18.14 -17.70 4.54
N GLU A 187 18.36 -17.55 5.85
CA GLU A 187 17.59 -18.30 6.88
C GLU A 187 16.20 -17.70 6.97
N THR A 188 16.10 -16.39 6.78
CA THR A 188 14.77 -15.73 6.68
C THR A 188 13.96 -16.32 5.54
N VAL A 189 14.55 -16.34 4.36
CA VAL A 189 13.91 -16.86 3.16
C VAL A 189 13.53 -18.39 3.28
N LYS A 190 14.45 -19.22 3.77
CA LYS A 190 14.15 -20.64 4.04
C LYS A 190 12.97 -20.90 5.03
N ASN A 191 12.92 -20.11 6.10
CA ASN A 191 11.87 -20.24 7.12
C ASN A 191 10.52 -19.62 6.71
N ALA A 192 10.52 -18.54 5.92
CA ALA A 192 9.31 -17.89 5.46
C ALA A 192 8.54 -18.76 4.49
N ARG A 193 9.20 -19.75 3.89
CA ARG A 193 8.50 -20.78 3.12
C ARG A 193 7.36 -21.45 3.89
N ARG A 194 7.45 -21.50 5.22
CA ARG A 194 6.43 -22.15 6.05
C ARG A 194 5.53 -21.15 6.81
N TRP A 195 5.62 -19.85 6.54
CA TRP A 195 4.72 -18.91 7.19
C TRP A 195 3.28 -19.17 6.74
N THR A 196 2.32 -18.86 7.61
CA THR A 196 0.91 -18.86 7.26
C THR A 196 0.27 -17.54 7.67
N ARG A 197 -0.98 -17.33 7.28
CA ARG A 197 -1.72 -16.13 7.68
C ARG A 197 -2.06 -16.10 9.19
N ARG A 198 -1.70 -17.15 9.94
CA ARG A 198 -1.86 -17.20 11.40
C ARG A 198 -0.57 -17.15 12.24
N THR A 199 0.54 -16.92 11.58
CA THR A 199 1.84 -17.00 12.19
C THR A 199 2.08 -15.77 13.09
N VAL A 200 2.51 -16.02 14.30
CA VAL A 200 2.95 -15.00 15.25
C VAL A 200 4.44 -15.16 15.54
N ILE A 201 5.25 -14.16 15.15
CA ILE A 201 6.66 -14.09 15.48
C ILE A 201 6.90 -13.14 16.68
N ASP A 202 7.33 -13.72 17.79
CA ASP A 202 7.54 -12.98 19.05
C ASP A 202 9.01 -12.90 19.29
N VAL A 203 9.57 -11.83 18.76
CA VAL A 203 11.00 -11.61 18.72
C VAL A 203 11.63 -11.64 20.12
N ALA A 204 11.03 -10.94 21.09
CA ALA A 204 11.58 -10.89 22.46
C ALA A 204 11.56 -12.22 23.22
N LYS A 205 10.66 -13.12 22.86
CA LYS A 205 10.58 -14.43 23.49
C LYS A 205 11.32 -15.52 22.67
N GLY A 206 11.85 -15.15 21.50
CA GLY A 206 12.53 -16.07 20.60
C GLY A 206 11.61 -17.18 20.13
N GLU A 207 10.34 -16.83 19.97
CA GLU A 207 9.25 -17.80 19.80
C GLU A 207 8.41 -17.52 18.58
N VAL A 208 7.99 -18.62 17.92
CA VAL A 208 6.97 -18.56 16.88
C VAL A 208 5.78 -19.42 17.32
N ARG A 209 4.56 -18.90 17.19
CA ARG A 209 3.37 -19.62 17.58
C ARG A 209 2.22 -19.22 16.65
N LYS A 210 1.02 -19.69 16.96
CA LYS A 210 -0.14 -19.50 16.10
C LYS A 210 -1.05 -18.48 16.76
N GLY A 211 -1.68 -17.63 15.96
CA GLY A 211 -2.63 -16.65 16.47
C GLY A 211 -3.78 -16.47 15.52
N GLU A 212 -4.48 -15.35 15.62
CA GLU A 212 -5.62 -15.07 14.74
C GLU A 212 -5.24 -14.39 13.45
N GLU A 213 -4.13 -13.65 13.45
CA GLU A 213 -3.64 -12.91 12.28
C GLU A 213 -2.13 -12.98 12.20
N PHE A 214 -1.56 -12.63 11.06
CA PHE A 214 -0.11 -12.53 10.98
C PHE A 214 0.36 -11.37 11.88
N PHE A 215 1.27 -11.65 12.82
CA PHE A 215 1.59 -10.67 13.88
C PHE A 215 3.08 -10.81 14.20
N VAL A 216 3.81 -9.72 14.04
CA VAL A 216 5.19 -9.64 14.51
C VAL A 216 5.29 -8.76 15.78
N VAL A 217 5.56 -9.36 16.93
CA VAL A 217 5.45 -8.67 18.24
C VAL A 217 6.65 -7.71 18.40
N ASP A 218 6.38 -6.41 18.52
CA ASP A 218 7.43 -5.41 18.80
C ASP A 218 8.13 -5.75 20.14
N PRO A 219 9.45 -5.97 20.15
CA PRO A 219 10.12 -6.27 21.43
C PRO A 219 10.14 -5.12 22.45
N VAL A 220 9.77 -3.93 22.03
CA VAL A 220 9.66 -2.74 22.86
C VAL A 220 8.24 -2.55 23.46
N ASP A 221 7.23 -3.12 22.79
CA ASP A 221 5.81 -2.95 23.16
C ASP A 221 4.99 -4.17 22.68
N GLU A 222 4.67 -5.08 23.60
CA GLU A 222 4.05 -6.39 23.23
C GLU A 222 2.67 -6.27 22.57
N LYS A 223 2.01 -5.12 22.69
CA LYS A 223 0.73 -4.91 22.02
C LYS A 223 0.83 -4.43 20.57
N ARG A 224 2.03 -4.08 20.11
CA ARG A 224 2.23 -3.53 18.75
C ARG A 224 2.62 -4.61 17.73
N ASN A 225 1.79 -4.72 16.68
CA ASN A 225 2.11 -5.51 15.48
C ASN A 225 2.96 -4.70 14.47
N VAL A 226 4.25 -5.03 14.39
CA VAL A 226 5.20 -4.35 13.49
C VAL A 226 4.82 -4.56 12.02
N ALA A 227 4.20 -5.72 11.73
CA ALA A 227 3.66 -5.98 10.36
C ALA A 227 2.20 -5.57 10.09
N ALA A 228 1.68 -4.61 10.86
CA ALA A 228 0.29 -4.14 10.71
C ALA A 228 -0.10 -3.70 9.31
N ASN A 229 0.79 -3.02 8.56
CA ASN A 229 0.44 -2.53 7.20
C ASN A 229 0.72 -3.54 6.09
N LEU A 230 1.25 -4.71 6.42
CA LEU A 230 1.54 -5.71 5.37
C LEU A 230 0.23 -6.37 4.92
N SER A 231 -0.14 -6.26 3.63
CA SER A 231 -1.36 -6.90 3.14
C SER A 231 -1.28 -8.44 3.12
N LEU A 232 -2.44 -9.11 3.20
CA LEU A 232 -2.50 -10.57 3.11
C LEU A 232 -1.91 -11.00 1.78
N ASP A 233 -2.20 -10.25 0.73
CA ASP A 233 -1.77 -10.69 -0.59
C ASP A 233 -0.28 -10.48 -0.78
N ASN A 234 0.30 -9.49 -0.12
CA ASN A 234 1.75 -9.31 -0.21
C ASN A 234 2.53 -10.31 0.66
N LEU A 235 1.92 -10.71 1.78
CA LEU A 235 2.49 -11.81 2.58
C LEU A 235 2.53 -13.08 1.69
N ALA A 236 1.43 -13.37 1.01
CA ALA A 236 1.34 -14.54 0.11
C ALA A 236 2.38 -14.48 -1.00
N ARG A 237 2.53 -13.32 -1.63
CA ARG A 237 3.52 -13.15 -2.70
C ARG A 237 4.94 -13.40 -2.21
N PHE A 238 5.23 -13.00 -0.97
CA PHE A 238 6.55 -13.15 -0.40
C PHE A 238 6.84 -14.62 -0.08
N VAL A 239 5.89 -15.32 0.51
CA VAL A 239 6.06 -16.74 0.79
C VAL A 239 6.32 -17.52 -0.53
N HIS A 240 5.58 -17.21 -1.59
CA HIS A 240 5.75 -17.89 -2.89
C HIS A 240 7.11 -17.58 -3.55
N LEU A 241 7.54 -16.32 -3.46
CA LEU A 241 8.85 -15.91 -4.00
C LEU A 241 9.97 -16.63 -3.25
N CYS A 242 9.84 -16.76 -1.93
CA CYS A 242 10.84 -17.50 -1.15
C CYS A 242 10.96 -18.97 -1.58
N ARG A 243 9.83 -19.59 -1.89
CA ARG A 243 9.80 -20.98 -2.36
C ARG A 243 10.46 -21.11 -3.74
N GLU A 244 10.15 -20.18 -4.63
CA GLU A 244 10.69 -20.17 -5.99
C GLU A 244 12.20 -19.95 -5.99
N PHE A 245 12.65 -18.98 -5.19
CA PHE A 245 14.07 -18.65 -5.09
C PHE A 245 14.88 -19.85 -4.63
N MET A 246 14.40 -20.54 -3.60
CA MET A 246 15.15 -21.68 -3.08
C MET A 246 15.11 -22.84 -4.07
N GLU A 247 14.07 -22.90 -4.91
CA GLU A 247 13.94 -23.97 -5.89
C GLU A 247 14.89 -23.76 -7.06
N ALA A 248 15.17 -22.50 -7.42
CA ALA A 248 16.00 -22.19 -8.57
C ALA A 248 16.52 -20.76 -8.46
N PRO A 249 17.57 -20.55 -7.65
CA PRO A 249 18.01 -19.19 -7.34
C PRO A 249 18.62 -18.44 -8.53
N SER A 250 18.37 -17.14 -8.60
CA SER A 250 18.81 -16.29 -9.70
C SER A 250 19.03 -14.86 -9.26
N LEU A 251 19.99 -14.20 -9.92
CA LEU A 251 20.25 -12.79 -9.69
C LEU A 251 19.03 -11.94 -10.10
N GLY A 252 18.25 -12.47 -11.05
CA GLY A 252 17.02 -11.84 -11.51
C GLY A 252 15.99 -11.51 -10.44
N PHE A 253 16.04 -12.22 -9.31
CA PHE A 253 15.19 -11.90 -8.15
C PHE A 253 15.55 -10.58 -7.47
N PHE A 254 16.72 -10.06 -7.79
CA PHE A 254 17.17 -8.78 -7.22
C PHE A 254 17.11 -7.63 -8.23
N LYS A 255 16.65 -7.93 -9.45
CA LYS A 255 16.49 -6.92 -10.50
C LYS A 255 15.01 -6.67 -10.78
N PRO A 256 14.61 -5.42 -11.01
CA PRO A 256 13.19 -5.15 -11.30
C PRO A 256 12.84 -5.59 -12.71
N LYS A 257 11.70 -6.25 -12.88
CA LYS A 257 11.25 -6.64 -14.21
C LYS A 257 11.10 -5.38 -15.05
N HIS A 258 11.68 -5.39 -16.25
CA HIS A 258 11.46 -4.29 -17.19
C HIS A 258 10.09 -4.54 -17.84
N PRO A 259 9.24 -3.50 -17.90
CA PRO A 259 7.82 -3.68 -18.18
C PRO A 259 7.51 -4.13 -19.62
N LEU A 260 6.23 -4.38 -19.87
CA LEU A 260 5.79 -5.04 -21.10
C LEU A 260 5.84 -4.10 -22.30
N GLU A 261 5.41 -2.85 -22.09
CA GLU A 261 5.45 -1.80 -23.11
C GLU A 261 4.83 -2.25 -24.46
N ILE A 262 3.59 -2.72 -24.38
CA ILE A 262 2.85 -3.24 -25.53
C ILE A 262 2.31 -2.10 -26.43
N GLU A 263 2.06 -2.43 -27.69
CA GLU A 263 1.44 -1.50 -28.62
C GLU A 263 -0.07 -1.67 -28.55
N PRO A 264 -0.82 -0.61 -28.79
CA PRO A 264 -2.29 -0.68 -28.77
C PRO A 264 -2.86 -1.82 -29.65
N GLU A 265 -2.18 -2.18 -30.73
CA GLU A 265 -2.63 -3.26 -31.61
C GLU A 265 -2.62 -4.65 -30.93
N ARG A 266 -1.60 -4.96 -30.13
CA ARG A 266 -1.55 -6.25 -29.48
C ARG A 266 -2.58 -6.36 -28.37
N LEU A 267 -2.81 -5.25 -27.67
CA LEU A 267 -3.84 -5.19 -26.62
C LEU A 267 -5.23 -5.33 -27.22
N ARG A 268 -5.43 -4.76 -28.41
CA ARG A 268 -6.71 -4.87 -29.10
C ARG A 268 -7.01 -6.32 -29.42
N LYS A 269 -5.98 -7.03 -29.89
CA LYS A 269 -6.02 -8.46 -30.19
C LYS A 269 -6.34 -9.31 -28.95
N ILE A 270 -5.68 -9.01 -27.85
CA ILE A 270 -5.84 -9.78 -26.62
C ILE A 270 -7.27 -9.57 -26.09
N VAL A 271 -7.73 -8.33 -26.08
CA VAL A 271 -9.08 -8.02 -25.65
C VAL A 271 -10.15 -8.70 -26.55
N GLU A 272 -9.87 -8.76 -27.85
CA GLU A 272 -10.74 -9.51 -28.77
C GLU A 272 -10.79 -11.02 -28.44
N GLU A 273 -9.64 -11.65 -28.22
CA GLU A 273 -9.54 -13.06 -27.83
C GLU A 273 -10.29 -13.39 -26.49
N ARG A 274 -10.18 -12.51 -25.50
CA ARG A 274 -10.82 -12.73 -24.19
C ARG A 274 -12.35 -12.56 -24.25
N GLY A 275 -12.80 -11.64 -25.11
CA GLY A 275 -14.20 -11.36 -25.36
C GLY A 275 -14.88 -10.57 -24.26
N THR A 276 -14.11 -9.79 -23.48
CA THR A 276 -14.61 -9.11 -22.27
C THR A 276 -14.87 -7.61 -22.60
N ALA A 277 -15.51 -6.93 -21.67
CA ALA A 277 -15.63 -5.48 -21.67
C ALA A 277 -14.52 -4.90 -20.82
N VAL A 278 -13.73 -4.00 -21.38
CA VAL A 278 -12.60 -3.41 -20.64
C VAL A 278 -12.77 -1.90 -20.68
N PHE A 279 -12.82 -1.26 -19.52
CA PHE A 279 -13.07 0.20 -19.43
C PHE A 279 -12.51 0.86 -18.20
N ALA A 280 -12.44 2.20 -18.23
CA ALA A 280 -11.91 2.99 -17.07
C ALA A 280 -12.77 4.18 -16.70
N VAL A 281 -12.83 4.49 -15.41
CA VAL A 281 -13.37 5.78 -14.93
C VAL A 281 -12.16 6.73 -14.78
N LYS A 282 -12.19 7.86 -15.50
CA LYS A 282 -11.18 8.92 -15.44
C LYS A 282 -11.71 10.19 -14.74
N PHE A 283 -10.90 10.76 -13.84
CA PHE A 283 -11.23 11.98 -13.10
C PHE A 283 -9.95 12.67 -12.59
N ARG A 284 -10.10 13.91 -12.17
CA ARG A 284 -9.00 14.72 -11.71
C ARG A 284 -8.50 14.27 -10.33
N LYS A 285 -7.20 14.18 -10.23
CA LYS A 285 -6.56 13.71 -8.98
C LYS A 285 -6.72 14.78 -7.88
N PRO A 286 -7.35 14.46 -6.75
CA PRO A 286 -7.41 15.43 -5.65
C PRO A 286 -6.02 15.81 -5.09
N ASP A 287 -5.88 17.02 -4.55
CA ASP A 287 -4.61 17.51 -4.03
C ASP A 287 -4.38 17.06 -2.55
N ILE A 288 -4.08 15.78 -2.37
CA ILE A 288 -3.83 15.20 -1.05
C ILE A 288 -2.66 14.23 -1.12
N VAL A 289 -2.09 13.90 0.05
CA VAL A 289 -0.96 12.99 0.12
C VAL A 289 -1.35 11.54 -0.19
N ASP A 290 -0.38 10.78 -0.68
CA ASP A 290 -0.56 9.37 -1.04
C ASP A 290 -1.21 8.49 0.02
N ASP A 291 -0.80 8.63 1.28
CA ASP A 291 -1.35 7.79 2.35
C ASP A 291 -2.86 8.06 2.60
N ASN A 292 -3.35 9.20 2.15
CA ASN A 292 -4.78 9.52 2.11
C ASN A 292 -5.47 9.12 0.81
N LEU A 293 -4.83 9.40 -0.33
CA LEU A 293 -5.37 9.05 -1.64
C LEU A 293 -5.55 7.54 -1.89
N TYR A 294 -4.52 6.72 -1.66
CA TYR A 294 -4.55 5.31 -2.04
C TYR A 294 -5.64 4.48 -1.32
N PRO A 295 -5.86 4.66 -0.02
CA PRO A 295 -7.04 4.02 0.63
C PRO A 295 -8.39 4.43 -0.02
N GLN A 296 -8.52 5.67 -0.46
CA GLN A 296 -9.71 6.12 -1.17
C GLN A 296 -9.83 5.50 -2.56
N LEU A 297 -8.73 5.37 -3.30
CA LEU A 297 -8.82 4.73 -4.61
C LEU A 297 -9.21 3.24 -4.47
N GLU A 298 -8.71 2.58 -3.41
CA GLU A 298 -8.97 1.19 -3.14
C GLU A 298 -10.45 1.01 -2.84
N ARG A 299 -10.99 1.91 -2.02
CA ARG A 299 -12.40 1.85 -1.62
C ARG A 299 -13.32 2.11 -2.82
N ALA A 300 -13.01 3.16 -3.56
CA ALA A 300 -13.86 3.52 -4.71
C ALA A 300 -13.88 2.36 -5.73
N SER A 301 -12.74 1.76 -5.95
CA SER A 301 -12.66 0.66 -6.90
C SER A 301 -13.44 -0.61 -6.37
N ARG A 302 -13.41 -0.85 -5.07
CA ARG A 302 -14.19 -1.95 -4.49
C ARG A 302 -15.68 -1.70 -4.54
N LYS A 303 -16.13 -0.48 -4.25
CA LYS A 303 -17.55 -0.17 -4.24
C LYS A 303 -18.11 -0.31 -5.66
N ILE A 304 -17.35 0.08 -6.67
CA ILE A 304 -17.81 -0.08 -8.06
C ILE A 304 -17.77 -1.56 -8.50
N PHE A 305 -16.73 -2.29 -8.12
CA PHE A 305 -16.67 -3.75 -8.30
C PHE A 305 -17.89 -4.43 -7.73
N GLU A 306 -18.22 -4.11 -6.48
CA GLU A 306 -19.42 -4.64 -5.80
C GLU A 306 -20.75 -4.28 -6.47
N PHE A 307 -20.83 -3.07 -7.04
CA PHE A 307 -21.95 -2.70 -7.87
C PHE A 307 -22.04 -3.61 -9.12
N LEU A 308 -20.94 -3.75 -9.87
CA LEU A 308 -20.95 -4.58 -11.06
C LEU A 308 -21.35 -6.03 -10.76
N GLU A 309 -20.86 -6.60 -9.66
CA GLU A 309 -21.27 -7.94 -9.25
C GLU A 309 -22.77 -8.05 -8.96
N ARG A 310 -23.29 -7.09 -8.19
CA ARG A 310 -24.70 -7.05 -7.79
C ARG A 310 -25.60 -6.84 -9.01
N GLU A 311 -25.12 -6.12 -10.01
CA GLU A 311 -25.91 -5.90 -11.26
C GLU A 311 -25.66 -6.94 -12.34
N ASN A 312 -25.00 -8.05 -11.98
CA ASN A 312 -24.87 -9.21 -12.88
C ASN A 312 -23.99 -9.02 -14.14
N PHE A 313 -23.02 -8.11 -14.04
CA PHE A 313 -22.02 -7.94 -15.13
C PHE A 313 -20.79 -8.80 -14.95
N MET A 314 -20.72 -9.54 -13.84
CA MET A 314 -19.67 -10.56 -13.63
C MET A 314 -18.23 -10.00 -13.82
N PRO A 315 -17.87 -9.02 -13.00
CA PRO A 315 -16.54 -8.42 -13.06
C PRO A 315 -15.48 -9.49 -12.71
N LEU A 316 -14.36 -9.47 -13.44
CA LEU A 316 -13.26 -10.41 -13.26
C LEU A 316 -12.26 -9.86 -12.30
N ARG A 317 -11.79 -8.65 -12.60
CA ARG A 317 -10.78 -8.00 -11.78
C ARG A 317 -10.85 -6.48 -11.96
N SER A 318 -10.25 -5.78 -11.01
CA SER A 318 -10.17 -4.32 -11.05
C SER A 318 -8.74 -3.89 -10.71
N ALA A 319 -8.41 -2.67 -11.11
CA ALA A 319 -7.12 -2.04 -10.76
C ALA A 319 -7.28 -0.50 -10.69
N PHE A 320 -6.26 0.20 -10.24
CA PHE A 320 -6.33 1.67 -10.21
C PHE A 320 -4.93 2.27 -10.34
N LYS A 321 -4.90 3.52 -10.80
CA LYS A 321 -3.65 4.22 -11.15
C LYS A 321 -3.85 5.72 -10.88
N ALA A 322 -2.82 6.38 -10.35
CA ALA A 322 -2.86 7.85 -10.27
C ALA A 322 -1.66 8.41 -11.01
N SER A 323 -1.89 9.30 -11.97
CA SER A 323 -0.80 10.07 -12.56
C SER A 323 -0.72 11.42 -11.85
N GLU A 324 -0.01 12.38 -12.43
CA GLU A 324 0.13 13.71 -11.84
C GLU A 324 -1.15 14.51 -11.93
N GLU A 325 -1.88 14.39 -13.05
CA GLU A 325 -3.10 15.15 -13.28
C GLU A 325 -4.41 14.36 -13.05
N PHE A 326 -4.41 13.06 -13.39
CA PHE A 326 -5.66 12.27 -13.39
C PHE A 326 -5.52 10.97 -12.60
N CYS A 327 -6.65 10.44 -12.11
CA CYS A 327 -6.74 9.08 -11.61
C CYS A 327 -7.64 8.24 -12.50
N TYR A 328 -7.43 6.94 -12.43
CA TYR A 328 -8.14 5.95 -13.25
C TYR A 328 -8.52 4.73 -12.41
N LEU A 329 -9.78 4.31 -12.53
CA LEU A 329 -10.23 3.09 -11.94
C LEU A 329 -10.56 2.17 -13.08
N LEU A 330 -9.89 1.02 -13.10
CA LEU A 330 -9.99 0.11 -14.23
C LEU A 330 -10.76 -1.20 -13.89
N PHE A 331 -11.54 -1.66 -14.88
CA PHE A 331 -12.42 -2.83 -14.73
C PHE A 331 -12.41 -3.73 -16.00
N GLU A 332 -12.51 -5.05 -15.79
CA GLU A 332 -12.78 -6.01 -16.90
C GLU A 332 -13.98 -6.88 -16.47
N CYS A 333 -14.97 -7.01 -17.35
CA CYS A 333 -16.20 -7.74 -17.02
C CYS A 333 -16.46 -8.83 -18.09
N GLN A 334 -17.10 -9.91 -17.68
CA GLN A 334 -17.41 -11.07 -18.54
C GLN A 334 -18.63 -10.79 -19.42
N ILE A 335 -19.45 -9.81 -18.99
CA ILE A 335 -20.71 -9.54 -19.68
C ILE A 335 -20.63 -8.17 -20.34
N LYS A 336 -20.77 -8.12 -21.66
CA LYS A 336 -20.75 -6.86 -22.41
C LYS A 336 -22.10 -6.24 -22.59
N GLU A 337 -23.15 -7.08 -22.61
CA GLU A 337 -24.53 -6.60 -22.79
C GLU A 337 -25.47 -7.59 -22.07
N ILE A 338 -26.42 -7.05 -21.30
CA ILE A 338 -27.45 -7.86 -20.60
C ILE A 338 -28.81 -7.42 -21.19
N SER A 339 -29.82 -8.28 -21.07
CA SER A 339 -31.14 -8.03 -21.62
C SER A 339 -31.74 -6.80 -20.93
N ARG A 340 -32.61 -6.10 -21.64
CA ARG A 340 -33.43 -5.03 -21.09
C ARG A 340 -34.33 -5.56 -19.98
N VAL A 341 -34.94 -6.72 -20.20
CA VAL A 341 -35.90 -7.26 -19.21
C VAL A 341 -35.21 -8.02 -18.09
N PHE A 342 -35.76 -7.88 -16.88
CA PHE A 342 -35.33 -8.61 -15.67
C PHE A 342 -36.56 -8.98 -14.82
N ARG A 343 -36.32 -9.81 -13.82
CA ARG A 343 -37.36 -10.32 -12.95
C ARG A 343 -37.29 -9.63 -11.59
N ARG A 344 -38.39 -8.99 -11.19
CA ARG A 344 -38.51 -8.32 -9.90
C ARG A 344 -39.38 -9.16 -8.92
N MET A 345 -38.93 -9.32 -7.68
CA MET A 345 -39.56 -10.17 -6.71
C MET A 345 -40.73 -9.44 -6.07
N GLY A 346 -41.87 -10.12 -5.98
CA GLY A 346 -43.03 -9.63 -5.22
C GLY A 346 -43.36 -10.48 -4.01
N PRO A 347 -44.54 -10.27 -3.44
CA PRO A 347 -44.92 -10.96 -2.21
C PRO A 347 -45.43 -12.38 -2.38
N GLN A 348 -45.47 -13.09 -1.28
CA GLN A 348 -46.09 -14.42 -1.23
C GLN A 348 -47.58 -14.32 -1.53
N PHE A 349 -48.16 -15.39 -2.07
CA PHE A 349 -49.53 -15.35 -2.58
C PHE A 349 -50.53 -15.06 -1.46
N GLU A 350 -50.25 -15.50 -0.24
CA GLU A 350 -51.17 -15.31 0.90
C GLU A 350 -51.44 -13.87 1.27
N ASP A 351 -50.49 -12.99 0.95
CA ASP A 351 -50.50 -11.65 1.56
C ASP A 351 -51.33 -10.71 0.67
N GLU A 352 -52.63 -10.67 0.89
CA GLU A 352 -53.56 -10.05 -0.08
C GLU A 352 -53.32 -8.55 -0.31
N ARG A 353 -53.11 -7.80 0.76
CA ARG A 353 -52.89 -6.36 0.64
C ARG A 353 -51.63 -5.99 -0.16
N ASN A 354 -50.52 -6.67 0.11
CA ASN A 354 -49.29 -6.39 -0.61
C ASN A 354 -49.30 -6.90 -2.07
N VAL A 355 -49.97 -8.03 -2.32
CA VAL A 355 -50.19 -8.48 -3.70
C VAL A 355 -50.96 -7.42 -4.53
N LYS A 356 -52.00 -6.80 -3.96
CA LYS A 356 -52.78 -5.79 -4.69
C LYS A 356 -51.90 -4.59 -5.09
N LYS A 357 -51.04 -4.16 -4.18
CA LYS A 357 -50.13 -3.04 -4.44
C LYS A 357 -49.12 -3.41 -5.53
N PHE A 358 -48.64 -4.65 -5.51
CA PHE A 358 -47.63 -5.11 -6.49
C PHE A 358 -48.24 -5.16 -7.91
N LEU A 359 -49.49 -5.58 -8.00
CA LEU A 359 -50.17 -5.75 -9.31
C LEU A 359 -50.77 -4.44 -9.84
N SER A 360 -50.74 -3.38 -9.04
CA SER A 360 -51.29 -2.07 -9.42
C SER A 360 -50.44 -1.31 -10.41
N ARG A 361 -49.14 -1.55 -10.37
CA ARG A 361 -48.20 -0.81 -11.23
C ARG A 361 -48.46 -1.20 -12.66
N ASN A 362 -48.43 -0.21 -13.57
CA ASN A 362 -48.51 -0.50 -15.00
C ASN A 362 -47.16 -1.00 -15.51
N ARG A 363 -47.16 -2.13 -16.23
CA ARG A 363 -45.96 -2.69 -16.87
C ARG A 363 -46.30 -3.22 -18.27
N ALA A 364 -45.30 -3.43 -19.11
CA ALA A 364 -45.53 -3.93 -20.48
C ALA A 364 -45.95 -5.40 -20.57
N PHE A 365 -45.53 -6.21 -19.59
CA PHE A 365 -45.81 -7.65 -19.55
C PHE A 365 -46.51 -8.00 -18.25
N ARG A 366 -47.21 -9.12 -18.24
CA ARG A 366 -47.99 -9.62 -17.10
C ARG A 366 -47.18 -10.31 -15.98
N PRO A 367 -47.38 -9.96 -14.71
CA PRO A 367 -46.72 -10.68 -13.59
C PRO A 367 -47.15 -12.16 -13.50
N PHE A 368 -46.43 -12.98 -12.75
CA PHE A 368 -46.71 -14.42 -12.72
C PHE A 368 -46.37 -15.01 -11.35
N ILE A 369 -46.96 -16.16 -11.04
CA ILE A 369 -46.65 -16.90 -9.79
C ILE A 369 -45.61 -18.00 -10.04
N GLU A 370 -44.63 -18.13 -9.15
CA GLU A 370 -43.63 -19.18 -9.24
C GLU A 370 -43.23 -19.58 -7.85
N ASN A 371 -43.28 -20.87 -7.58
CA ASN A 371 -43.06 -21.41 -6.25
C ASN A 371 -43.74 -20.67 -5.08
N GLY A 372 -45.01 -20.31 -5.27
CA GLY A 372 -45.81 -19.67 -4.23
C GLY A 372 -45.67 -18.15 -4.06
N ARG A 373 -44.85 -17.52 -4.89
CA ARG A 373 -44.57 -16.10 -4.78
C ARG A 373 -44.82 -15.39 -6.12
N TRP A 374 -45.24 -14.14 -6.07
CA TRP A 374 -45.39 -13.31 -7.29
C TRP A 374 -44.07 -12.70 -7.79
N TRP A 375 -43.92 -12.60 -9.11
CA TRP A 375 -42.75 -12.01 -9.78
C TRP A 375 -43.26 -11.13 -10.92
N ALA A 376 -42.52 -10.08 -11.30
CA ALA A 376 -42.87 -9.27 -12.47
C ALA A 376 -41.69 -9.06 -13.40
N PHE A 377 -41.94 -9.02 -14.70
CA PHE A 377 -40.94 -8.56 -15.70
C PHE A 377 -40.90 -7.03 -15.66
N GLU A 378 -39.72 -6.43 -15.49
CA GLU A 378 -39.53 -4.96 -15.50
C GLU A 378 -38.27 -4.66 -16.34
N MET A 379 -38.04 -3.38 -16.63
CA MET A 379 -36.99 -3.00 -17.59
C MET A 379 -35.80 -2.34 -16.85
N ARG A 380 -34.57 -2.75 -17.16
CA ARG A 380 -33.36 -2.13 -16.66
C ARG A 380 -33.19 -0.73 -17.25
N LYS A 381 -32.44 0.14 -16.58
CA LYS A 381 -32.12 1.47 -17.14
C LYS A 381 -30.74 1.51 -17.81
N PHE A 382 -30.02 0.39 -17.78
CA PHE A 382 -28.78 0.27 -18.54
C PHE A 382 -28.63 -1.21 -18.92
N THR A 383 -27.93 -1.47 -20.01
CA THR A 383 -27.67 -2.84 -20.47
C THR A 383 -26.17 -3.17 -20.70
N THR A 384 -25.27 -2.23 -20.46
CA THR A 384 -23.83 -2.48 -20.53
C THR A 384 -23.19 -2.06 -19.24
N PRO A 385 -22.05 -2.66 -18.91
CA PRO A 385 -21.38 -2.28 -17.70
C PRO A 385 -20.90 -0.77 -17.72
N GLU A 386 -20.43 -0.30 -18.86
CA GLU A 386 -20.11 1.16 -19.01
C GLU A 386 -21.30 2.10 -18.65
N GLU A 387 -22.50 1.80 -19.14
CA GLU A 387 -23.72 2.58 -18.84
C GLU A 387 -24.04 2.49 -17.33
N GLY A 388 -23.87 1.30 -16.75
CA GLY A 388 -24.10 1.09 -15.34
C GLY A 388 -23.20 1.95 -14.43
N VAL A 389 -21.92 1.93 -14.70
CA VAL A 389 -20.98 2.74 -13.93
C VAL A 389 -21.23 4.26 -14.14
N ARG A 390 -21.58 4.71 -15.34
CA ARG A 390 -21.92 6.12 -15.55
C ARG A 390 -23.01 6.51 -14.53
N SER A 391 -24.03 5.67 -14.41
CA SER A 391 -25.12 5.92 -13.47
C SER A 391 -24.68 5.87 -12.01
N TYR A 392 -23.91 4.84 -11.64
CA TYR A 392 -23.47 4.65 -10.26
C TYR A 392 -22.58 5.80 -9.78
N ALA A 393 -21.61 6.16 -10.61
CA ALA A 393 -20.69 7.26 -10.31
C ALA A 393 -21.37 8.65 -10.21
N SER A 394 -22.41 8.86 -10.99
CA SER A 394 -23.13 10.12 -10.96
C SER A 394 -24.00 10.31 -9.71
N THR A 395 -24.51 9.22 -9.17
CA THR A 395 -25.44 9.24 -8.04
C THR A 395 -24.85 8.83 -6.68
N HIS A 396 -23.90 7.92 -6.67
CA HIS A 396 -23.31 7.40 -5.41
C HIS A 396 -21.83 7.79 -5.20
N TRP A 397 -21.39 8.91 -5.78
CA TRP A 397 -20.07 9.48 -5.47
C TRP A 397 -19.77 9.69 -3.96
N HIS A 398 -20.81 9.91 -3.16
CA HIS A 398 -20.67 10.12 -1.73
C HIS A 398 -20.15 8.92 -0.94
N THR A 399 -20.12 7.74 -1.55
CA THR A 399 -19.55 6.57 -0.89
C THR A 399 -18.14 6.20 -1.41
N LEU A 400 -17.60 7.01 -2.31
CA LEU A 400 -16.34 6.67 -3.01
C LEU A 400 -15.11 7.33 -2.41
N GLY A 401 -15.17 7.63 -1.11
CA GLY A 401 -14.11 8.34 -0.40
C GLY A 401 -14.38 9.83 -0.37
N LYS A 402 -14.01 10.50 0.73
CA LYS A 402 -14.27 11.95 0.86
C LYS A 402 -13.79 12.76 -0.33
N ASN A 403 -12.53 12.64 -0.70
CA ASN A 403 -11.94 13.51 -1.72
C ASN A 403 -12.07 12.96 -3.13
N VAL A 404 -11.84 11.67 -3.30
CA VAL A 404 -12.10 10.99 -4.57
C VAL A 404 -13.53 11.19 -5.05
N GLY A 405 -14.49 10.99 -4.14
CA GLY A 405 -15.90 11.23 -4.42
C GLY A 405 -16.23 12.67 -4.82
N GLU A 406 -15.69 13.64 -4.09
CA GLU A 406 -15.90 15.06 -4.44
C GLU A 406 -15.32 15.41 -5.83
N SER A 407 -14.21 14.78 -6.21
CA SER A 407 -13.67 15.03 -7.55
C SER A 407 -14.57 14.45 -8.65
N ILE A 408 -15.01 13.22 -8.47
CA ILE A 408 -15.93 12.56 -9.42
C ILE A 408 -17.26 13.34 -9.59
N ARG A 409 -17.74 13.94 -8.50
CA ARG A 409 -18.87 14.83 -8.55
C ARG A 409 -18.66 16.01 -9.51
N GLU A 410 -17.46 16.56 -9.54
CA GLU A 410 -17.15 17.72 -10.40
C GLU A 410 -16.96 17.36 -11.88
N TYR A 411 -16.36 16.20 -12.15
CA TYR A 411 -16.04 15.74 -13.51
C TYR A 411 -15.57 14.26 -13.49
N PHE A 412 -16.19 13.44 -14.32
CA PHE A 412 -15.62 12.12 -14.68
C PHE A 412 -16.00 11.75 -16.12
N GLU A 413 -15.28 10.76 -16.66
CA GLU A 413 -15.49 10.21 -18.01
C GLU A 413 -15.38 8.69 -17.95
N ILE A 414 -16.18 7.97 -18.72
CA ILE A 414 -15.96 6.52 -18.93
C ILE A 414 -15.26 6.35 -20.28
N ILE A 415 -14.14 5.65 -20.29
CA ILE A 415 -13.34 5.46 -21.52
C ILE A 415 -13.15 3.96 -21.80
N SER A 416 -13.38 3.56 -23.04
CA SER A 416 -13.18 2.19 -23.55
C SER A 416 -12.39 2.21 -24.89
N GLY A 417 -11.84 1.07 -25.30
CA GLY A 417 -11.39 0.86 -26.68
C GLY A 417 -10.12 1.65 -27.06
N GLU A 418 -10.08 2.10 -28.30
CA GLU A 418 -8.90 2.79 -28.82
C GLU A 418 -8.60 4.08 -28.05
N LYS A 419 -9.63 4.68 -27.47
CA LYS A 419 -9.43 5.81 -26.57
C LYS A 419 -8.69 5.36 -25.31
N LEU A 420 -9.06 4.20 -24.75
CA LEU A 420 -8.50 3.74 -23.48
C LEU A 420 -7.02 3.39 -23.60
N PHE A 421 -6.66 2.74 -24.70
CA PHE A 421 -5.27 2.34 -24.92
C PHE A 421 -4.29 3.52 -25.08
N LYS A 422 -4.79 4.74 -25.28
CA LYS A 422 -3.98 5.96 -25.38
C LYS A 422 -3.74 6.72 -24.05
N GLU A 423 -4.38 6.29 -22.96
CA GLU A 423 -4.15 6.89 -21.66
C GLU A 423 -3.00 6.12 -21.07
N PRO A 424 -2.35 6.63 -20.03
CA PRO A 424 -1.19 5.95 -19.43
C PRO A 424 -1.58 4.83 -18.47
N VAL A 425 -2.25 3.81 -19.01
CA VAL A 425 -2.77 2.70 -18.21
C VAL A 425 -2.46 1.32 -18.80
N THR A 426 -1.76 1.26 -19.95
CA THR A 426 -1.54 -0.03 -20.62
C THR A 426 -0.83 -1.02 -19.71
N ALA A 427 0.09 -0.55 -18.85
CA ALA A 427 0.82 -1.43 -17.96
C ALA A 427 -0.07 -2.09 -16.91
N GLU A 428 -1.02 -1.31 -16.39
CA GLU A 428 -1.93 -1.77 -15.37
C GLU A 428 -2.95 -2.74 -15.98
N LEU A 429 -3.42 -2.44 -17.20
CA LEU A 429 -4.28 -3.36 -17.93
C LEU A 429 -3.61 -4.73 -18.16
N CYS A 430 -2.37 -4.72 -18.63
CA CYS A 430 -1.62 -5.95 -18.90
C CYS A 430 -1.47 -6.81 -17.66
N GLU A 431 -1.12 -6.19 -16.55
CA GLU A 431 -0.99 -6.89 -15.28
C GLU A 431 -2.35 -7.47 -14.82
N MET A 432 -3.41 -6.69 -15.00
CA MET A 432 -4.75 -7.07 -14.53
C MET A 432 -5.27 -8.29 -15.31
N MET A 433 -4.82 -8.44 -16.56
CA MET A 433 -5.28 -9.50 -17.47
C MET A 433 -4.34 -10.69 -17.54
N GLY A 434 -3.20 -10.60 -16.82
CA GLY A 434 -2.20 -11.64 -16.80
C GLY A 434 -1.51 -11.84 -18.13
N VAL A 435 -1.29 -10.75 -18.86
CA VAL A 435 -0.62 -10.83 -20.17
C VAL A 435 0.86 -11.29 -20.01
N LYS A 436 1.30 -12.20 -20.88
CA LYS A 436 2.68 -12.71 -20.81
C LYS A 436 3.61 -11.94 -21.75
N ASP A 437 4.92 -12.14 -21.61
CA ASP A 437 5.92 -11.52 -22.48
C ASP A 437 5.78 -11.97 -23.93
#